data_7KI8
#
_entry.id   7KI8
#
_cell.length_a   29.460
_cell.length_b   70.860
_cell.length_c   36.160
_cell.angle_alpha   90.000
_cell.angle_beta   111.410
_cell.angle_gamma   90.000
#
_symmetry.space_group_name_H-M   'P 1 21 1'
#
loop_
_entity.id
_entity.type
_entity.pdbx_description
1 polymer 'Dihydrofolate reductase'
2 non-polymer 'NADP NICOTINAMIDE-ADENINE-DINUCLEOTIDE PHOSPHATE'
3 non-polymer '1-[2-({3-[(2,4-diamino-6-ethylpyrimidin-5-yl)oxy]propyl}amino)phenyl]piperidine-4-carboxylic acid'
4 water water
#
_entity_poly.entity_id   1
_entity_poly.type   'polypeptide(L)'
_entity_poly.pdbx_seq_one_letter_code
;MAHHHHHHMTSVGLIWAQSTSGVIGRDGGIPWRLPEDLAHFKRLTMGHTVVMGRRTWDSLPAAHRPLPGRRNVVVTRQTG
LVAHGAQVVGSLEQALSPAEPDAATWVIGGAQIYALALPLANRCEVTEVDVDLPPEDEDALAPVLDQTWAGTSGEWLVSR
SGLRYRMHSYRRL
;
_entity_poly.pdbx_strand_id   A
#
loop_
_chem_comp.id
_chem_comp.type
_chem_comp.name
_chem_comp.formula
NAP non-polymer 'NADP NICOTINAMIDE-ADENINE-DINUCLEOTIDE PHOSPHATE' 'C21 H28 N7 O17 P3'
WFA non-polymer '1-[2-({3-[(2,4-diamino-6-ethylpyrimidin-5-yl)oxy]propyl}amino)phenyl]piperidine-4-carboxylic acid' 'C21 H30 N6 O3'
#
# COMPACT_ATOMS: atom_id res chain seq x y z
N SER A 11 -4.52 13.21 -8.41
CA SER A 11 -5.03 11.86 -8.24
C SER A 11 -4.28 11.13 -7.12
N VAL A 12 -5.02 10.63 -6.14
CA VAL A 12 -4.47 9.94 -4.99
C VAL A 12 -5.05 8.54 -5.00
N GLY A 13 -4.20 7.53 -5.04
CA GLY A 13 -4.64 6.14 -5.05
C GLY A 13 -4.11 5.43 -3.81
N LEU A 14 -4.93 4.55 -3.24
CA LEU A 14 -4.45 3.63 -2.23
C LEU A 14 -4.19 2.30 -2.90
N ILE A 15 -3.11 1.63 -2.53
CA ILE A 15 -2.81 0.31 -3.06
C ILE A 15 -2.41 -0.59 -1.90
N TRP A 16 -3.04 -1.76 -1.78
CA TRP A 16 -2.73 -2.69 -0.71
C TRP A 16 -3.01 -4.11 -1.16
N ALA A 17 -2.43 -5.06 -0.44
CA ALA A 17 -2.73 -6.48 -0.56
C ALA A 17 -3.31 -6.98 0.76
N GLN A 18 -4.34 -7.80 0.70
CA GLN A 18 -4.96 -8.30 1.92
C GLN A 18 -5.31 -9.76 1.77
N SER A 19 -5.39 -10.47 2.90
CA SER A 19 -6.00 -11.78 2.86
C SER A 19 -7.51 -11.63 2.67
N THR A 20 -8.16 -12.72 2.28
CA THR A 20 -9.62 -12.70 2.21
C THR A 20 -10.24 -12.25 3.53
N SER A 21 -9.65 -12.62 4.66
CA SER A 21 -10.18 -12.20 5.95
C SER A 21 -9.96 -10.71 6.23
N GLY A 22 -9.16 -10.02 5.43
CA GLY A 22 -8.93 -8.60 5.60
C GLY A 22 -7.68 -8.21 6.36
N VAL A 23 -6.77 -9.14 6.59
CA VAL A 23 -5.50 -8.85 7.25
C VAL A 23 -4.54 -8.23 6.22
N ILE A 24 -3.89 -7.13 6.60
CA ILE A 24 -2.82 -6.56 5.78
C ILE A 24 -1.45 -6.67 6.45
N GLY A 25 -1.38 -6.81 7.76
CA GLY A 25 -0.09 -6.76 8.42
C GLY A 25 -0.13 -7.50 9.72
N ARG A 26 1.01 -8.08 10.09
CA ARG A 26 1.14 -8.82 11.33
C ARG A 26 2.61 -8.86 11.71
N ASP A 27 2.89 -8.59 12.98
CA ASP A 27 4.25 -8.71 13.52
C ASP A 27 5.23 -7.81 12.78
N GLY A 28 4.76 -6.63 12.34
CA GLY A 28 5.61 -5.71 11.62
C GLY A 28 5.94 -6.10 10.19
N GLY A 29 5.20 -7.04 9.62
CA GLY A 29 5.44 -7.44 8.26
C GLY A 29 4.16 -7.83 7.56
N ILE A 30 4.27 -8.49 6.43
CA ILE A 30 3.13 -8.98 5.67
C ILE A 30 3.14 -10.50 5.78
N PRO A 31 2.06 -11.11 6.28
CA PRO A 31 2.10 -12.55 6.65
C PRO A 31 1.86 -13.52 5.49
N TRP A 32 2.32 -13.18 4.30
CA TRP A 32 2.35 -14.09 3.16
C TRP A 32 3.40 -13.56 2.20
N ARG A 33 3.75 -14.40 1.24
CA ARG A 33 4.66 -14.03 0.17
C ARG A 33 3.95 -14.31 -1.14
N LEU A 34 3.83 -13.29 -1.99
CA LEU A 34 3.10 -13.42 -3.24
C LEU A 34 3.86 -12.64 -4.31
N PRO A 35 4.80 -13.29 -4.99
CA PRO A 35 5.62 -12.60 -5.99
C PRO A 35 4.82 -11.87 -7.04
N GLU A 36 3.69 -12.44 -7.46
CA GLU A 36 2.88 -11.81 -8.50
C GLU A 36 2.29 -10.49 -8.01
N ASP A 37 2.00 -10.39 -6.71
CA ASP A 37 1.54 -9.11 -6.18
C ASP A 37 2.67 -8.08 -6.15
N LEU A 38 3.88 -8.51 -5.79
CA LEU A 38 5.00 -7.58 -5.80
C LEU A 38 5.20 -7.00 -7.19
N ALA A 39 5.09 -7.84 -8.23
CA ALA A 39 5.27 -7.34 -9.60
C ALA A 39 4.16 -6.37 -9.98
N HIS A 40 2.92 -6.67 -9.59
CA HIS A 40 1.79 -5.78 -9.83
C HIS A 40 2.00 -4.43 -9.15
N PHE A 41 2.42 -4.47 -7.88
CA PHE A 41 2.69 -3.24 -7.13
C PHE A 41 3.78 -2.42 -7.80
N LYS A 42 4.86 -3.09 -8.24
CA LYS A 42 5.95 -2.37 -8.91
CA LYS A 42 5.96 -2.39 -8.90
C LYS A 42 5.49 -1.75 -10.21
N ARG A 43 4.69 -2.47 -11.01
CA ARG A 43 4.24 -1.93 -12.28
CA ARG A 43 4.23 -1.93 -12.28
C ARG A 43 3.35 -0.71 -12.07
N LEU A 44 2.49 -0.73 -11.05
CA LEU A 44 1.58 0.39 -10.86
C LEU A 44 2.29 1.61 -10.27
N THR A 45 3.34 1.41 -9.48
CA THR A 45 3.96 2.51 -8.75
C THR A 45 5.23 3.05 -9.39
N MET A 46 5.84 2.31 -10.32
CA MET A 46 7.15 2.71 -10.82
C MET A 46 7.08 4.09 -11.44
N GLY A 47 8.05 4.94 -11.08
CA GLY A 47 8.13 6.28 -11.58
C GLY A 47 7.22 7.28 -10.89
N HIS A 48 6.51 6.87 -9.85
CA HIS A 48 5.57 7.74 -9.16
C HIS A 48 6.03 7.97 -7.72
N THR A 49 5.39 8.94 -7.06
CA THR A 49 5.57 9.14 -5.64
C THR A 49 4.81 8.06 -4.88
N VAL A 50 5.47 7.48 -3.89
CA VAL A 50 4.82 6.57 -2.95
C VAL A 50 4.88 7.19 -1.56
N VAL A 51 3.74 7.20 -0.87
CA VAL A 51 3.60 7.78 0.45
C VAL A 51 3.29 6.64 1.40
N MET A 52 4.01 6.59 2.52
CA MET A 52 3.79 5.53 3.49
C MET A 52 3.95 6.06 4.90
N GLY A 53 3.34 5.35 5.86
CA GLY A 53 3.60 5.62 7.26
C GLY A 53 4.96 5.13 7.68
N ARG A 54 5.43 5.70 8.79
CA ARG A 54 6.80 5.41 9.23
C ARG A 54 6.98 3.94 9.61
N ARG A 55 5.96 3.31 10.19
CA ARG A 55 6.13 1.90 10.54
CA ARG A 55 6.12 1.89 10.53
C ARG A 55 6.34 1.04 9.29
N THR A 56 5.62 1.36 8.20
CA THR A 56 5.83 0.65 6.93
C THR A 56 7.24 0.89 6.41
N TRP A 57 7.73 2.13 6.49
CA TRP A 57 9.11 2.42 6.09
C TRP A 57 10.09 1.52 6.84
N ASP A 58 9.97 1.45 8.16
CA ASP A 58 10.87 0.64 8.95
C ASP A 58 10.67 -0.86 8.66
N SER A 59 9.49 -1.25 8.17
CA SER A 59 9.22 -2.66 7.90
C SER A 59 9.84 -3.16 6.61
N LEU A 60 10.24 -2.28 5.71
CA LEU A 60 10.75 -2.71 4.43
C LEU A 60 12.05 -3.48 4.61
N PRO A 61 12.22 -4.61 3.94
CA PRO A 61 13.55 -5.24 3.90
C PRO A 61 14.57 -4.25 3.39
N ALA A 62 15.78 -4.33 3.93
CA ALA A 62 16.80 -3.33 3.64
C ALA A 62 17.13 -3.24 2.16
N ALA A 63 17.02 -4.35 1.42
CA ALA A 63 17.27 -4.32 -0.01
C ALA A 63 16.32 -3.40 -0.73
N HIS A 64 15.14 -3.17 -0.15
CA HIS A 64 14.01 -2.51 -0.81
C HIS A 64 13.69 -1.16 -0.20
N ARG A 65 14.56 -0.61 0.61
CA ARG A 65 14.31 0.67 1.27
C ARG A 65 15.43 1.62 0.93
N PRO A 66 15.20 2.70 0.17
CA PRO A 66 13.89 3.10 -0.37
C PRO A 66 13.49 2.23 -1.55
N LEU A 67 12.20 2.28 -1.88
CA LEU A 67 11.73 1.58 -3.06
CA LEU A 67 11.71 1.60 -3.06
C LEU A 67 12.38 2.19 -4.28
N PRO A 68 13.14 1.42 -5.06
CA PRO A 68 13.90 2.03 -6.15
C PRO A 68 13.00 2.53 -7.25
N GLY A 69 13.41 3.66 -7.86
CA GLY A 69 12.68 4.21 -8.98
C GLY A 69 11.43 4.95 -8.61
N ARG A 70 11.21 5.20 -7.33
CA ARG A 70 10.05 5.90 -6.84
C ARG A 70 10.50 6.95 -5.85
N ARG A 71 9.74 8.03 -5.77
CA ARG A 71 10.02 9.06 -4.77
C ARG A 71 9.34 8.62 -3.48
N ASN A 72 10.13 8.33 -2.45
CA ASN A 72 9.64 7.74 -1.20
C ASN A 72 9.37 8.85 -0.20
N VAL A 73 8.11 9.03 0.18
CA VAL A 73 7.69 10.04 1.14
C VAL A 73 7.17 9.31 2.38
N VAL A 74 7.68 9.67 3.55
CA VAL A 74 7.34 8.99 4.80
C VAL A 74 6.69 9.96 5.76
N VAL A 75 5.49 9.61 6.23
CA VAL A 75 4.71 10.41 7.14
C VAL A 75 5.08 10.00 8.56
N THR A 76 5.54 10.96 9.36
CA THR A 76 6.01 10.71 10.71
C THR A 76 5.78 11.97 11.54
N ARG A 77 5.67 11.78 12.86
CA ARG A 77 5.66 12.91 13.79
C ARG A 77 7.06 13.24 14.29
N GLN A 78 8.05 12.44 13.95
CA GLN A 78 9.42 12.66 14.40
C GLN A 78 10.12 13.71 13.53
N THR A 79 11.24 14.21 14.04
CA THR A 79 12.02 15.19 13.27
C THR A 79 12.57 14.57 11.99
N GLY A 80 13.09 13.35 12.09
CA GLY A 80 13.59 12.64 10.94
C GLY A 80 13.83 11.21 11.34
N LEU A 81 14.43 10.46 10.43
CA LEU A 81 14.53 9.01 10.56
C LEU A 81 15.98 8.56 10.55
N VAL A 82 16.25 7.45 11.22
CA VAL A 82 17.59 6.90 11.21
C VAL A 82 17.88 6.20 9.89
N ALA A 83 16.87 5.53 9.32
CA ALA A 83 17.04 4.80 8.07
C ALA A 83 16.90 5.76 6.88
N HIS A 84 17.88 5.72 5.98
CA HIS A 84 18.06 6.70 4.91
C HIS A 84 17.21 6.41 3.67
N GLY A 85 16.97 7.49 2.93
CA GLY A 85 16.39 7.41 1.61
C GLY A 85 14.98 7.97 1.49
N ALA A 86 14.39 8.44 2.59
CA ALA A 86 13.04 8.98 2.55
C ALA A 86 13.08 10.50 2.53
N GLN A 87 11.97 11.09 2.09
CA GLN A 87 11.65 12.49 2.37
C GLN A 87 10.60 12.48 3.46
N VAL A 88 10.90 13.09 4.60
CA VAL A 88 9.93 13.05 5.69
CA VAL A 88 10.02 13.11 5.76
C VAL A 88 9.00 14.24 5.61
N VAL A 89 7.74 13.96 5.96
CA VAL A 89 6.70 14.97 6.08
C VAL A 89 5.94 14.69 7.36
N GLY A 90 5.26 15.73 7.87
CA GLY A 90 4.56 15.64 9.13
C GLY A 90 3.07 15.42 9.03
N SER A 91 2.53 15.29 7.82
CA SER A 91 1.10 15.10 7.64
C SER A 91 0.88 14.57 6.24
N LEU A 92 -0.30 13.99 6.04
CA LEU A 92 -0.65 13.52 4.71
C LEU A 92 -0.76 14.68 3.73
N GLU A 93 -1.33 15.81 4.16
CA GLU A 93 -1.45 16.95 3.25
C GLU A 93 -0.09 17.39 2.75
N GLN A 94 0.91 17.42 3.63
CA GLN A 94 2.26 17.78 3.20
C GLN A 94 2.83 16.74 2.25
N ALA A 95 2.45 15.48 2.40
CA ALA A 95 2.95 14.42 1.52
C ALA A 95 2.39 14.57 0.11
N LEU A 96 1.20 15.15 -0.04
CA LEU A 96 0.46 15.08 -1.30
C LEU A 96 0.66 16.31 -2.19
N SER A 97 1.06 17.44 -1.63
CA SER A 97 1.25 18.63 -2.44
C SER A 97 2.66 19.15 -2.22
N PRO A 98 3.39 19.54 -3.29
CA PRO A 98 3.04 19.47 -4.71
C PRO A 98 3.00 18.03 -5.22
N ALA A 99 2.39 17.79 -6.38
CA ALA A 99 2.12 16.44 -6.86
C ALA A 99 2.59 16.28 -8.31
N GLU A 100 2.82 15.01 -8.68
CA GLU A 100 3.33 14.70 -10.02
C GLU A 100 2.21 14.87 -11.04
N PRO A 101 2.47 15.56 -12.16
CA PRO A 101 1.40 15.79 -13.14
C PRO A 101 1.00 14.53 -13.88
N ASP A 102 -0.29 14.46 -14.23
CA ASP A 102 -0.83 13.40 -15.07
C ASP A 102 -0.55 12.00 -14.52
N ALA A 103 -0.35 11.91 -13.21
CA ALA A 103 -0.03 10.63 -12.61
C ALA A 103 -0.55 10.59 -11.18
N ALA A 104 -0.78 9.37 -10.70
CA ALA A 104 -1.23 9.19 -9.34
C ALA A 104 -0.08 9.33 -8.36
N THR A 105 -0.39 9.86 -7.19
CA THR A 105 0.42 9.64 -6.01
C THR A 105 -0.18 8.41 -5.33
N TRP A 106 0.67 7.44 -4.97
CA TRP A 106 0.20 6.18 -4.41
C TRP A 106 0.47 6.15 -2.93
N VAL A 107 -0.56 5.87 -2.15
CA VAL A 107 -0.42 5.65 -0.72
C VAL A 107 -0.32 4.14 -0.51
N ILE A 108 0.80 3.70 0.06
CA ILE A 108 1.20 2.30 0.03
C ILE A 108 1.17 1.64 1.40
N GLY A 109 0.58 2.30 2.40
CA GLY A 109 0.36 1.72 3.72
C GLY A 109 1.06 2.48 4.82
N GLY A 110 0.86 2.05 6.07
CA GLY A 110 0.02 0.93 6.46
C GLY A 110 -1.38 1.38 6.88
N ALA A 111 -1.97 0.65 7.84
CA ALA A 111 -3.36 0.91 8.22
C ALA A 111 -3.58 2.35 8.68
N GLN A 112 -2.67 2.90 9.47
CA GLN A 112 -2.88 4.26 9.94
C GLN A 112 -2.86 5.25 8.79
N ILE A 113 -1.91 5.10 7.88
CA ILE A 113 -1.83 6.02 6.75
C ILE A 113 -2.99 5.79 5.77
N TYR A 114 -3.46 4.55 5.59
CA TYR A 114 -4.65 4.33 4.76
C TYR A 114 -5.84 5.06 5.34
N ALA A 115 -5.96 5.05 6.67
CA ALA A 115 -7.11 5.71 7.29
C ALA A 115 -7.05 7.22 7.05
N LEU A 116 -5.85 7.80 7.10
CA LEU A 116 -5.71 9.23 6.81
C LEU A 116 -6.03 9.54 5.36
N ALA A 117 -5.65 8.66 4.44
CA ALA A 117 -5.75 8.95 3.02
C ALA A 117 -7.09 8.59 2.41
N LEU A 118 -7.82 7.66 3.00
CA LEU A 118 -9.08 7.20 2.42
C LEU A 118 -10.04 8.33 2.09
N PRO A 119 -10.24 9.35 2.93
CA PRO A 119 -11.18 10.42 2.56
C PRO A 119 -10.71 11.25 1.37
N LEU A 120 -9.42 11.21 1.05
CA LEU A 120 -8.86 12.03 -0.02
C LEU A 120 -8.70 11.26 -1.32
N ALA A 121 -8.86 9.95 -1.30
CA ALA A 121 -8.45 9.14 -2.42
C ALA A 121 -9.50 9.13 -3.53
N ASN A 122 -9.02 8.96 -4.77
CA ASN A 122 -9.86 8.77 -5.93
C ASN A 122 -9.89 7.31 -6.41
N ARG A 123 -8.93 6.49 -6.00
CA ARG A 123 -8.79 5.14 -6.50
C ARG A 123 -8.27 4.25 -5.39
N CYS A 124 -8.68 2.98 -5.41
CA CYS A 124 -8.07 1.93 -4.59
C CYS A 124 -7.76 0.75 -5.47
N GLU A 125 -6.55 0.20 -5.31
CA GLU A 125 -6.11 -0.98 -6.05
C GLU A 125 -5.80 -2.05 -5.02
N VAL A 126 -6.61 -3.11 -5.01
CA VAL A 126 -6.53 -4.13 -3.96
C VAL A 126 -6.11 -5.45 -4.57
N THR A 127 -5.16 -6.14 -3.94
CA THR A 127 -4.91 -7.54 -4.26
C THR A 127 -5.49 -8.36 -3.13
N GLU A 128 -6.37 -9.29 -3.45
CA GLU A 128 -6.89 -10.21 -2.46
C GLU A 128 -6.14 -11.54 -2.58
N VAL A 129 -5.64 -12.03 -1.44
CA VAL A 129 -4.85 -13.26 -1.38
C VAL A 129 -5.69 -14.28 -0.63
N ASP A 130 -5.97 -15.42 -1.29
CA ASP A 130 -6.77 -16.48 -0.67
C ASP A 130 -5.85 -17.35 0.20
N VAL A 131 -5.44 -16.77 1.31
CA VAL A 131 -4.67 -17.44 2.34
C VAL A 131 -5.50 -17.39 3.61
N ASP A 132 -5.55 -18.51 4.32
CA ASP A 132 -6.41 -18.63 5.48
C ASP A 132 -5.68 -18.04 6.68
N LEU A 133 -6.04 -16.82 7.05
CA LEU A 133 -5.40 -16.10 8.14
C LEU A 133 -6.48 -15.48 9.02
N PRO A 134 -7.01 -16.22 9.98
CA PRO A 134 -7.95 -15.64 10.93
C PRO A 134 -7.32 -14.44 11.61
N PRO A 135 -8.00 -13.29 11.64
CA PRO A 135 -7.40 -12.10 12.26
C PRO A 135 -7.02 -12.33 13.72
N GLU A 136 -5.83 -11.86 14.08
CA GLU A 136 -5.27 -11.93 15.42
C GLU A 136 -5.24 -10.54 16.03
N ASP A 137 -5.01 -10.50 17.34
CA ASP A 137 -5.37 -9.33 18.13
C ASP A 137 -4.65 -8.07 17.66
N GLU A 138 -3.38 -8.20 17.27
CA GLU A 138 -2.59 -7.04 16.89
C GLU A 138 -2.51 -6.82 15.39
N ASP A 139 -3.29 -7.55 14.60
CA ASP A 139 -3.17 -7.45 13.15
C ASP A 139 -3.58 -6.06 12.68
N ALA A 140 -2.91 -5.62 11.63
CA ALA A 140 -3.41 -4.48 10.85
C ALA A 140 -4.39 -5.01 9.82
N LEU A 141 -5.55 -4.36 9.73
CA LEU A 141 -6.63 -4.79 8.85
C LEU A 141 -6.80 -3.80 7.70
N ALA A 142 -7.36 -4.30 6.61
CA ALA A 142 -7.62 -3.46 5.45
C ALA A 142 -8.71 -2.44 5.77
N PRO A 143 -8.65 -1.26 5.17
CA PRO A 143 -9.77 -0.32 5.33
C PRO A 143 -11.01 -0.87 4.65
N VAL A 144 -12.17 -0.49 5.16
CA VAL A 144 -13.45 -0.90 4.61
C VAL A 144 -13.96 0.23 3.71
N LEU A 145 -14.40 -0.11 2.51
CA LEU A 145 -14.85 0.87 1.54
C LEU A 145 -16.36 1.10 1.65
N ASP A 146 -16.76 2.35 1.66
CA ASP A 146 -18.16 2.71 1.84
C ASP A 146 -18.88 2.88 0.50
N GLN A 147 -20.09 3.43 0.55
CA GLN A 147 -20.97 3.60 -0.61
C GLN A 147 -20.45 4.61 -1.62
N THR A 148 -19.33 5.29 -1.38
CA THR A 148 -18.81 6.25 -2.36
C THR A 148 -17.90 5.60 -3.38
N TRP A 149 -17.72 4.29 -3.33
CA TRP A 149 -16.77 3.57 -4.18
C TRP A 149 -17.52 2.61 -5.10
N ALA A 150 -17.08 2.56 -6.36
CA ALA A 150 -17.55 1.56 -7.31
C ALA A 150 -16.34 0.74 -7.74
N GLY A 151 -16.52 -0.58 -7.88
CA GLY A 151 -15.40 -1.45 -8.10
C GLY A 151 -15.66 -2.44 -9.21
N THR A 152 -14.55 -2.99 -9.70
CA THR A 152 -14.55 -4.11 -10.63
C THR A 152 -13.50 -5.09 -10.14
N SER A 153 -13.67 -6.36 -10.48
CA SER A 153 -12.79 -7.40 -9.97
C SER A 153 -12.27 -8.24 -11.13
N GLY A 154 -10.99 -8.57 -11.09
CA GLY A 154 -10.45 -9.52 -12.05
C GLY A 154 -10.74 -10.94 -11.66
N GLU A 155 -10.42 -11.86 -12.58
CA GLU A 155 -10.59 -13.28 -12.35
C GLU A 155 -9.62 -13.79 -11.27
N TRP A 156 -9.98 -14.90 -10.66
CA TRP A 156 -9.03 -15.58 -9.77
C TRP A 156 -7.85 -16.10 -10.58
N LEU A 157 -6.65 -15.85 -10.07
CA LEU A 157 -5.40 -16.29 -10.66
C LEU A 157 -4.70 -17.22 -9.68
N VAL A 158 -3.78 -18.05 -10.20
CA VAL A 158 -3.01 -18.96 -9.37
C VAL A 158 -1.55 -18.55 -9.42
N SER A 159 -0.95 -18.34 -8.25
CA SER A 159 0.47 -18.00 -8.13
CA SER A 159 0.45 -17.98 -8.25
C SER A 159 1.34 -19.22 -8.42
N ARG A 160 2.58 -18.96 -8.84
CA ARG A 160 3.54 -20.05 -8.96
C ARG A 160 3.73 -20.78 -7.62
N SER A 161 3.52 -20.09 -6.50
CA SER A 161 3.61 -20.71 -5.18
C SER A 161 2.33 -21.42 -4.76
N GLY A 162 1.29 -21.38 -5.59
CA GLY A 162 0.07 -22.10 -5.33
C GLY A 162 -1.06 -21.31 -4.71
N LEU A 163 -0.80 -20.09 -4.20
CA LEU A 163 -1.89 -19.29 -3.62
C LEU A 163 -2.75 -18.70 -4.72
N ARG A 164 -4.04 -18.71 -4.51
CA ARG A 164 -4.97 -18.03 -5.41
C ARG A 164 -5.05 -16.57 -5.01
N TYR A 165 -5.18 -15.70 -5.99
CA TYR A 165 -5.21 -14.26 -5.72
C TYR A 165 -5.98 -13.58 -6.84
N ARG A 166 -6.40 -12.34 -6.61
CA ARG A 166 -7.11 -11.60 -7.66
C ARG A 166 -6.99 -10.13 -7.32
N MET A 167 -7.25 -9.28 -8.32
CA MET A 167 -7.16 -7.85 -8.14
C MET A 167 -8.56 -7.24 -8.19
N HIS A 168 -8.80 -6.26 -7.32
CA HIS A 168 -10.01 -5.46 -7.32
C HIS A 168 -9.60 -4.01 -7.53
N SER A 169 -10.35 -3.28 -8.36
CA SER A 169 -10.04 -1.88 -8.62
C SER A 169 -11.25 -1.03 -8.34
N TYR A 170 -11.10 -0.01 -7.51
CA TYR A 170 -12.21 0.84 -7.13
C TYR A 170 -11.93 2.27 -7.56
N ARG A 171 -12.98 2.97 -7.95
CA ARG A 171 -12.94 4.37 -8.29
C ARG A 171 -14.04 5.07 -7.51
N ARG A 172 -13.77 6.30 -7.09
CA ARG A 172 -14.77 7.06 -6.40
C ARG A 172 -15.90 7.37 -7.37
N LEU A 173 -17.14 7.20 -6.91
CA LEU A 173 -18.29 7.56 -7.73
C LEU A 173 -18.28 9.05 -8.05
PA NAP B . 1.86 2.82 9.35
O1A NAP B . 2.76 2.28 8.33
O2A NAP B . 0.56 3.45 8.91
O5B NAP B . 2.75 3.90 10.16
C5B NAP B . 2.26 4.51 11.37
C4B NAP B . 3.14 5.69 11.67
O4B NAP B . 2.85 6.77 10.76
C3B NAP B . 3.00 6.28 13.06
O3B NAP B . 3.68 5.48 14.02
C2B NAP B . 3.58 7.67 12.81
O2B NAP B . 5.01 7.67 12.67
C1B NAP B . 3.01 8.01 11.44
N9A NAP B . 1.73 8.69 11.51
C8A NAP B . 0.48 8.17 11.69
N7A NAP B . -0.48 9.06 11.73
C5A NAP B . 0.19 10.27 11.56
C6A NAP B . -0.26 11.60 11.51
N6A NAP B . -1.54 11.96 11.65
N1A NAP B . 0.67 12.56 11.33
C2A NAP B . 1.95 12.21 11.21
N3A NAP B . 2.49 10.99 11.25
C4A NAP B . 1.55 10.06 11.43
O3 NAP B . 1.60 1.76 10.51
PN NAP B . 0.59 0.55 10.74
O1N NAP B . -0.79 1.06 10.62
O2N NAP B . 1.02 -0.10 11.99
O5D NAP B . 0.87 -0.37 9.48
C5D NAP B . 2.08 -1.17 9.43
C4D NAP B . 1.71 -2.59 9.08
O4D NAP B . 1.06 -2.63 7.78
C3D NAP B . 2.90 -3.54 8.98
O3D NAP B . 2.49 -4.85 9.40
C2D NAP B . 3.16 -3.58 7.47
O2D NAP B . 3.81 -4.78 7.09
C1D NAP B . 1.73 -3.57 6.98
N1N NAP B . 1.59 -3.14 5.55
C2N NAP B . 0.88 -3.95 4.74
C3N NAP B . 0.67 -3.60 3.42
C7N NAP B . -0.12 -4.49 2.48
O7N NAP B . -0.42 -4.06 1.36
N7N NAP B . -0.48 -5.69 2.92
C4N NAP B . 1.22 -2.41 2.96
C5N NAP B . 1.96 -1.61 3.81
C6N NAP B . 2.14 -1.99 5.12
P2B NAP B . 5.94 8.03 13.92
O1X NAP B . 5.56 9.39 14.38
O2X NAP B . 5.62 6.94 14.94
O3X NAP B . 7.32 7.95 13.35
C16 WFA C . 7.24 -4.97 0.93
C17 WFA C . 7.03 -5.63 2.13
C18 WFA C . 7.69 -6.82 2.43
C19 WFA C . 8.58 -7.37 1.54
C20 WFA C . 8.80 -6.74 0.33
C21 WFA C . 8.17 -5.55 0.00
C26 WFA C . 7.56 -4.22 -3.49
C27 WFA C . 7.42 -5.17 -2.30
C28 WFA C . 9.10 -2.96 -5.04
C01 WFA C . 4.15 -6.04 -2.30
C02 WFA C . 3.39 -5.65 -1.02
C03 WFA C . 2.30 -4.66 -1.35
C05 WFA C . 0.41 -4.23 -2.63
C08 WFA C . 1.14 -2.58 -1.20
C10 WFA C . 2.22 -3.43 -0.80
C12 WFA C . 4.22 -2.19 -0.34
C13 WFA C . 5.08 -1.85 0.89
C14 WFA C . 5.74 -3.10 1.51
C23 WFA C . 9.77 -4.96 -1.75
C24 WFA C . 10.06 -4.05 -2.95
C25 WFA C . 8.98 -4.17 -4.04
N04 WFA C . 1.40 -5.05 -2.27
N06 WFA C . -0.47 -4.62 -3.59
N07 WFA C . 0.27 -3.00 -2.13
N09 WFA C . 0.96 -1.35 -0.66
N15 WFA C . 6.60 -3.80 0.58
N22 WFA C . 8.37 -4.88 -1.23
O11 WFA C . 3.08 -2.96 0.16
O29 WFA C . 10.23 -2.69 -5.47
O30 WFA C . 8.02 -2.41 -5.33
#